data_2LMB
#
_entry.id   2LMB
#
_entity_poly.entity_id   1
_entity_poly.type   'polypeptide(L)'
_entity_poly.pdbx_seq_one_letter_code
;MWQRRQRRGEERKAPENQEEEEERAELNQSEEPEAGESSTGGP
;
_entity_poly.pdbx_strand_id   A
#
# COMPACT_ATOMS: atom_id res chain seq x y z
N MET A 1 -6.53 -0.39 5.84
CA MET A 1 -6.76 -1.66 5.18
C MET A 1 -6.40 -1.59 3.69
N TRP A 2 -6.90 -0.56 3.02
CA TRP A 2 -6.62 -0.37 1.60
C TRP A 2 -6.14 1.04 1.32
N GLN A 3 -5.38 1.21 0.25
CA GLN A 3 -4.85 2.51 -0.13
C GLN A 3 -4.01 3.10 1.00
N ARG A 4 -3.38 2.23 1.77
CA ARG A 4 -2.54 2.66 2.89
C ARG A 4 -1.10 2.87 2.43
N ARG A 5 -0.62 1.97 1.57
CA ARG A 5 0.75 2.05 1.07
C ARG A 5 0.79 2.82 -0.24
N GLN A 6 -0.38 3.20 -0.75
CA GLN A 6 -0.48 3.94 -2.00
C GLN A 6 0.32 5.24 -1.92
N ARG A 7 0.54 5.72 -0.70
CA ARG A 7 1.28 6.95 -0.48
C ARG A 7 2.79 6.70 -0.54
N ARG A 8 3.18 5.44 -0.36
CA ARG A 8 4.58 5.07 -0.39
C ARG A 8 4.97 4.56 -1.78
N GLY A 9 4.07 3.84 -2.41
CA GLY A 9 4.34 3.30 -3.74
C GLY A 9 4.14 1.80 -3.81
N GLU A 10 3.50 1.24 -2.78
CA GLU A 10 3.25 -0.20 -2.73
C GLU A 10 1.76 -0.50 -2.76
N GLU A 11 0.95 0.48 -2.33
CA GLU A 11 -0.50 0.32 -2.31
C GLU A 11 -0.92 -0.59 -1.16
N ARG A 12 -0.47 -1.84 -1.21
CA ARG A 12 -0.81 -2.82 -0.18
C ARG A 12 0.42 -3.61 0.24
N LYS A 13 0.39 -4.14 1.46
CA LYS A 13 1.51 -4.92 1.98
C LYS A 13 1.76 -6.15 1.11
N ALA A 14 2.96 -6.23 0.55
CA ALA A 14 3.32 -7.35 -0.31
C ALA A 14 4.75 -7.81 -0.03
N PRO A 15 5.06 -9.05 -0.43
CA PRO A 15 6.39 -9.63 -0.22
C PRO A 15 7.46 -8.97 -1.11
N MET A 1 -7.74 -1.34 5.24
CA MET A 1 -6.34 -1.66 4.95
C MET A 1 -6.05 -1.49 3.46
N TRP A 2 -6.78 -0.58 2.81
CA TRP A 2 -6.60 -0.34 1.39
C TRP A 2 -6.17 1.10 1.14
N GLN A 3 -5.47 1.32 0.03
CA GLN A 3 -4.99 2.65 -0.32
C GLN A 3 -4.09 3.22 0.77
N ARG A 4 -3.44 2.33 1.51
CA ARG A 4 -2.55 2.74 2.59
C ARG A 4 -1.13 2.93 2.09
N ARG A 5 -0.68 2.01 1.23
CA ARG A 5 0.66 2.08 0.68
C ARG A 5 0.66 2.82 -0.65
N GLN A 6 -0.53 3.16 -1.14
CA GLN A 6 -0.67 3.87 -2.41
C GLN A 6 0.13 5.17 -2.38
N ARG A 7 0.37 5.69 -1.18
CA ARG A 7 1.12 6.93 -1.03
C ARG A 7 2.63 6.69 -1.14
N ARG A 8 3.03 5.44 -0.92
CA ARG A 8 4.44 5.07 -1.00
C ARG A 8 4.78 4.52 -2.38
N GLY A 9 3.85 3.78 -2.95
CA GLY A 9 4.07 3.19 -4.27
C GLY A 9 3.88 1.69 -4.28
N GLU A 10 3.27 1.16 -3.23
CA GLU A 10 3.04 -0.28 -3.11
C GLU A 10 1.54 -0.58 -3.08
N GLU A 11 0.75 0.41 -2.67
CA GLU A 11 -0.70 0.24 -2.60
C GLU A 11 -1.08 -0.63 -1.41
N ARG A 12 -0.63 -1.88 -1.43
CA ARG A 12 -0.93 -2.82 -0.35
C ARG A 12 0.32 -3.56 0.09
N LYS A 13 0.33 -4.04 1.33
CA LYS A 13 1.47 -4.77 1.87
C LYS A 13 1.74 -6.03 1.05
N ALA A 14 2.97 -6.16 0.55
CA ALA A 14 3.37 -7.31 -0.25
C ALA A 14 4.79 -7.73 0.07
N PRO A 15 5.13 -8.99 -0.28
CA PRO A 15 6.46 -9.55 -0.04
C PRO A 15 7.52 -8.91 -0.93
N MET A 1 -6.73 0.27 6.16
CA MET A 1 -6.42 -0.99 5.51
C MET A 1 -6.13 -0.78 4.03
N TRP A 2 -7.13 -0.28 3.31
CA TRP A 2 -6.98 -0.03 1.87
C TRP A 2 -6.48 1.38 1.62
N GLN A 3 -5.74 1.56 0.53
CA GLN A 3 -5.20 2.86 0.17
C GLN A 3 -4.30 3.40 1.28
N ARG A 4 -3.71 2.49 2.04
CA ARG A 4 -2.83 2.87 3.14
C ARG A 4 -1.39 2.96 2.66
N ARG A 5 -1.00 2.08 1.75
CA ARG A 5 0.35 2.06 1.21
C ARG A 5 0.42 2.81 -0.11
N GLN A 6 -0.75 3.22 -0.62
CA GLN A 6 -0.83 3.94 -1.88
C GLN A 6 0.03 5.20 -1.84
N ARG A 7 0.12 5.81 -0.67
CA ARG A 7 0.91 7.03 -0.48
C ARG A 7 2.40 6.72 -0.60
N ARG A 8 2.76 5.46 -0.42
CA ARG A 8 4.15 5.04 -0.50
C ARG A 8 4.47 4.50 -1.88
N GLY A 9 3.50 3.85 -2.51
CA GLY A 9 3.70 3.31 -3.84
C GLY A 9 3.46 1.80 -3.88
N GLU A 10 2.82 1.28 -2.84
CA GLU A 10 2.53 -0.16 -2.77
C GLU A 10 1.03 -0.40 -2.72
N GLU A 11 0.26 0.65 -2.49
CA GLU A 11 -1.19 0.55 -2.41
C GLU A 11 -1.61 -0.09 -1.10
N ARG A 12 -1.18 -1.34 -0.89
CA ARG A 12 -1.52 -2.07 0.33
C ARG A 12 -0.36 -2.97 0.76
N LYS A 13 -0.31 -3.27 2.06
CA LYS A 13 0.74 -4.12 2.60
C LYS A 13 0.72 -5.50 1.94
N ALA A 14 1.79 -5.83 1.24
CA ALA A 14 1.90 -7.12 0.57
C ALA A 14 3.33 -7.65 0.61
N PRO A 15 3.48 -8.97 0.40
CA PRO A 15 4.80 -9.62 0.41
C PRO A 15 5.65 -9.22 -0.79
N MET A 1 -5.13 -1.40 5.70
CA MET A 1 -4.58 -2.31 4.70
C MET A 1 -4.95 -1.86 3.29
N TRP A 2 -6.06 -1.15 3.16
CA TRP A 2 -6.51 -0.66 1.87
C TRP A 2 -6.11 0.80 1.67
N GLN A 3 -5.42 1.08 0.57
CA GLN A 3 -4.97 2.44 0.28
C GLN A 3 -4.01 2.94 1.34
N ARG A 4 -3.43 2.02 2.09
CA ARG A 4 -2.49 2.37 3.15
C ARG A 4 -1.08 2.48 2.61
N ARG A 5 -0.78 1.72 1.57
CA ARG A 5 0.54 1.73 0.95
C ARG A 5 0.56 2.62 -0.29
N GLN A 6 -0.62 3.10 -0.68
CA GLN A 6 -0.74 3.97 -1.84
C GLN A 6 0.17 5.19 -1.72
N ARG A 7 0.40 5.62 -0.49
CA ARG A 7 1.25 6.78 -0.23
C ARG A 7 2.71 6.45 -0.50
N ARG A 8 3.05 5.16 -0.44
CA ARG A 8 4.41 4.71 -0.68
C ARG A 8 4.59 4.26 -2.13
N GLY A 9 3.53 3.73 -2.71
CA GLY A 9 3.59 3.27 -4.09
C GLY A 9 3.27 1.79 -4.22
N GLU A 10 2.64 1.23 -3.20
CA GLU A 10 2.27 -0.19 -3.21
C GLU A 10 0.77 -0.36 -3.14
N GLU A 11 0.07 0.69 -2.70
CA GLU A 11 -1.39 0.65 -2.59
C GLU A 11 -1.81 -0.19 -1.38
N ARG A 12 -1.46 -1.48 -1.42
CA ARG A 12 -1.81 -2.39 -0.34
C ARG A 12 -0.57 -3.10 0.20
N LYS A 13 -0.62 -3.51 1.47
CA LYS A 13 0.48 -4.20 2.10
C LYS A 13 0.78 -5.52 1.38
N ALA A 14 2.05 -5.72 1.03
CA ALA A 14 2.47 -6.94 0.33
C ALA A 14 3.70 -7.53 0.99
N PRO A 15 3.94 -8.83 0.75
CA PRO A 15 5.08 -9.55 1.31
C PRO A 15 6.40 -9.10 0.69
N MET A 1 -6.38 -2.23 5.48
CA MET A 1 -5.51 -3.03 4.63
C MET A 1 -5.77 -2.75 3.16
N TRP A 2 -6.25 -1.55 2.88
CA TRP A 2 -6.55 -1.15 1.50
C TRP A 2 -6.24 0.33 1.28
N GLN A 3 -5.51 0.62 0.20
CA GLN A 3 -5.15 2.00 -0.12
C GLN A 3 -4.34 2.62 1.01
N ARG A 4 -3.71 1.78 1.82
CA ARG A 4 -2.90 2.25 2.94
C ARG A 4 -1.44 2.46 2.51
N ARG A 5 -1.00 1.66 1.53
CA ARG A 5 0.36 1.76 1.03
C ARG A 5 0.42 2.59 -0.25
N GLN A 6 -0.76 2.97 -0.75
CA GLN A 6 -0.85 3.76 -1.97
C GLN A 6 -0.06 5.06 -1.84
N ARG A 7 0.02 5.56 -0.61
CA ARG A 7 0.75 6.80 -0.35
C ARG A 7 2.25 6.59 -0.47
N ARG A 8 2.68 5.33 -0.38
CA ARG A 8 4.09 5.00 -0.49
C ARG A 8 4.46 4.59 -1.91
N GLY A 9 3.52 3.93 -2.58
CA GLY A 9 3.76 3.50 -3.95
C GLY A 9 3.60 2.00 -4.12
N GLU A 10 2.95 1.36 -3.15
CA GLU A 10 2.74 -0.08 -3.19
C GLU A 10 1.25 -0.41 -3.16
N GLU A 11 0.42 0.61 -2.91
CA GLU A 11 -1.01 0.43 -2.85
C GLU A 11 -1.42 -0.29 -1.57
N ARG A 12 -0.95 -1.53 -1.42
CA ARG A 12 -1.26 -2.33 -0.24
C ARG A 12 0.00 -3.01 0.30
N LYS A 13 -0.02 -3.34 1.58
CA LYS A 13 1.11 -3.99 2.23
C LYS A 13 1.43 -5.32 1.55
N ALA A 14 2.62 -5.40 0.95
CA ALA A 14 3.05 -6.62 0.28
C ALA A 14 4.45 -7.02 0.69
N PRO A 15 4.81 -8.29 0.46
CA PRO A 15 6.14 -8.82 0.80
C PRO A 15 7.23 -8.25 -0.08
N MET A 1 -7.36 -1.69 5.28
CA MET A 1 -6.03 -1.63 4.70
C MET A 1 -6.09 -1.30 3.21
N TRP A 2 -6.87 -0.28 2.86
CA TRP A 2 -7.03 0.13 1.47
C TRP A 2 -6.48 1.54 1.26
N GLN A 3 -5.72 1.72 0.19
CA GLN A 3 -5.13 3.02 -0.13
C GLN A 3 -4.22 3.50 1.00
N ARG A 4 -3.68 2.55 1.75
CA ARG A 4 -2.79 2.87 2.86
C ARG A 4 -1.33 2.94 2.39
N ARG A 5 -0.98 2.09 1.43
CA ARG A 5 0.37 2.06 0.90
C ARG A 5 0.47 2.90 -0.37
N GLN A 6 -0.67 3.38 -0.84
CA GLN A 6 -0.71 4.21 -2.05
C GLN A 6 0.22 5.41 -1.92
N ARG A 7 0.37 5.91 -0.69
CA ARG A 7 1.22 7.06 -0.43
C ARG A 7 2.69 6.69 -0.60
N ARG A 8 2.99 5.40 -0.51
CA ARG A 8 4.36 4.92 -0.65
C ARG A 8 4.63 4.46 -2.07
N GLY A 9 3.60 3.89 -2.71
CA GLY A 9 3.75 3.41 -4.08
C GLY A 9 3.42 1.94 -4.21
N GLU A 10 2.73 1.40 -3.22
CA GLU A 10 2.36 -0.02 -3.22
C GLU A 10 0.84 -0.18 -3.20
N GLU A 11 0.15 0.88 -2.76
CA GLU A 11 -1.32 0.85 -2.69
C GLU A 11 -1.79 -0.01 -1.53
N ARG A 12 -1.45 -1.29 -1.56
CA ARG A 12 -1.83 -2.22 -0.51
C ARG A 12 -0.62 -2.93 0.08
N LYS A 13 -0.71 -3.30 1.35
CA LYS A 13 0.38 -3.99 2.02
C LYS A 13 0.42 -5.47 1.65
N ALA A 14 1.48 -5.88 0.96
CA ALA A 14 1.63 -7.27 0.55
C ALA A 14 3.09 -7.70 0.59
N PRO A 15 3.32 -9.02 0.64
CA PRO A 15 4.67 -9.60 0.68
C PRO A 15 5.42 -9.41 -0.63
N MET A 1 -7.26 -2.05 5.33
CA MET A 1 -5.88 -2.04 4.86
C MET A 1 -5.83 -1.78 3.36
N TRP A 2 -6.69 -0.90 2.88
CA TRP A 2 -6.73 -0.57 1.46
C TRP A 2 -6.33 0.88 1.22
N GLN A 3 -5.63 1.12 0.12
CA GLN A 3 -5.19 2.48 -0.21
C GLN A 3 -4.33 3.06 0.90
N ARG A 4 -3.70 2.18 1.68
CA ARG A 4 -2.85 2.61 2.79
C ARG A 4 -1.40 2.79 2.32
N ARG A 5 -0.93 1.85 1.51
CA ARG A 5 0.43 1.91 0.99
C ARG A 5 0.49 2.69 -0.32
N GLN A 6 -0.69 3.07 -0.81
CA GLN A 6 -0.77 3.82 -2.06
C GLN A 6 0.06 5.10 -2.00
N ARG A 7 0.28 5.59 -0.77
CA ARG A 7 1.06 6.81 -0.58
C ARG A 7 2.56 6.52 -0.71
N ARG A 8 2.93 5.26 -0.54
CA ARG A 8 4.33 4.86 -0.63
C ARG A 8 4.66 4.35 -2.04
N GLY A 9 3.70 3.65 -2.65
CA GLY A 9 3.91 3.13 -3.98
C GLY A 9 3.69 1.62 -4.06
N GLU A 10 3.06 1.07 -3.02
CA GLU A 10 2.79 -0.36 -2.98
C GLU A 10 1.30 -0.63 -2.93
N GLU A 11 0.53 0.34 -2.46
CA GLU A 11 -0.92 0.21 -2.36
C GLU A 11 -1.31 -0.74 -1.23
N ARG A 12 -0.88 -1.99 -1.34
CA ARG A 12 -1.19 -2.99 -0.33
C ARG A 12 0.09 -3.58 0.26
N LYS A 13 -0.01 -4.12 1.46
CA LYS A 13 1.15 -4.72 2.13
C LYS A 13 1.73 -5.85 1.29
N ALA A 14 2.97 -5.63 0.82
CA ALA A 14 3.65 -6.64 0.01
C ALA A 14 5.14 -6.64 0.28
N PRO A 15 5.82 -7.73 -0.11
CA PRO A 15 7.27 -7.88 0.08
C PRO A 15 8.08 -6.93 -0.80
N MET A 1 -5.75 -0.97 5.59
CA MET A 1 -6.14 -2.18 4.88
C MET A 1 -6.02 -1.98 3.37
N TRP A 2 -6.67 -0.94 2.87
CA TRP A 2 -6.65 -0.65 1.44
C TRP A 2 -6.20 0.79 1.18
N GLN A 3 -5.51 1.00 0.08
CA GLN A 3 -5.04 2.34 -0.28
C GLN A 3 -4.18 2.93 0.84
N ARG A 4 -3.57 2.06 1.63
CA ARG A 4 -2.72 2.48 2.74
C ARG A 4 -1.28 2.66 2.28
N ARG A 5 -0.84 1.77 1.40
CA ARG A 5 0.53 1.82 0.90
C ARG A 5 0.58 2.54 -0.45
N GLN A 6 -0.59 2.87 -0.98
CA GLN A 6 -0.68 3.57 -2.27
C GLN A 6 0.10 4.89 -2.23
N ARG A 7 0.27 5.43 -1.02
CA ARG A 7 0.99 6.68 -0.85
C ARG A 7 2.50 6.46 -0.99
N ARG A 8 2.93 5.22 -0.79
CA ARG A 8 4.35 4.89 -0.88
C ARG A 8 4.69 4.35 -2.27
N GLY A 9 3.74 3.64 -2.88
CA GLY A 9 3.96 3.09 -4.19
C GLY A 9 3.80 1.58 -4.22
N GLU A 10 3.22 1.02 -3.16
CA GLU A 10 3.01 -0.42 -3.06
C GLU A 10 1.52 -0.74 -3.01
N GLU A 11 0.72 0.25 -2.64
CA GLU A 11 -0.73 0.06 -2.55
C GLU A 11 -1.09 -0.76 -1.31
N ARG A 12 -0.60 -1.99 -1.25
CA ARG A 12 -0.88 -2.87 -0.13
C ARG A 12 0.40 -3.57 0.33
N LYS A 13 0.41 -3.97 1.60
CA LYS A 13 1.57 -4.65 2.18
C LYS A 13 1.87 -5.95 1.42
N ALA A 14 3.02 -6.01 0.78
CA ALA A 14 3.43 -7.19 0.03
C ALA A 14 4.93 -7.44 0.17
N PRO A 15 5.34 -8.68 -0.12
CA PRO A 15 6.75 -9.09 -0.04
C PRO A 15 7.60 -8.44 -1.12
N MET A 1 -5.46 -2.42 5.82
CA MET A 1 -4.91 -3.08 4.64
C MET A 1 -5.62 -2.60 3.38
N TRP A 2 -5.97 -1.32 3.34
CA TRP A 2 -6.65 -0.74 2.20
C TRP A 2 -6.26 0.72 2.01
N GLN A 3 -5.62 1.02 0.87
CA GLN A 3 -5.18 2.38 0.57
C GLN A 3 -4.24 2.90 1.64
N ARG A 4 -3.58 1.97 2.34
CA ARG A 4 -2.65 2.34 3.40
C ARG A 4 -1.23 2.50 2.84
N ARG A 5 -0.87 1.62 1.91
CA ARG A 5 0.46 1.66 1.29
C ARG A 5 0.42 2.47 -0.01
N GLN A 6 -0.77 2.86 -0.42
CA GLN A 6 -0.94 3.64 -1.64
C GLN A 6 -0.09 4.91 -1.61
N ARG A 7 0.14 5.43 -0.40
CA ARG A 7 0.93 6.64 -0.23
C ARG A 7 2.41 6.37 -0.53
N ARG A 8 2.79 5.11 -0.47
CA ARG A 8 4.17 4.71 -0.74
C ARG A 8 4.35 4.28 -2.19
N GLY A 9 3.32 3.63 -2.73
CA GLY A 9 3.39 3.17 -4.11
C GLY A 9 3.16 1.68 -4.24
N GLU A 10 2.63 1.07 -3.18
CA GLU A 10 2.36 -0.36 -3.17
C GLU A 10 0.87 -0.63 -2.99
N GLU A 11 0.14 0.38 -2.53
CA GLU A 11 -1.29 0.26 -2.30
C GLU A 11 -1.57 -0.57 -1.05
N ARG A 12 -1.13 -1.83 -1.07
CA ARG A 12 -1.34 -2.72 0.07
C ARG A 12 -0.01 -3.28 0.57
N LYS A 13 0.01 -3.71 1.82
CA LYS A 13 1.22 -4.26 2.43
C LYS A 13 1.71 -5.47 1.63
N ALA A 14 2.90 -5.35 1.06
CA ALA A 14 3.49 -6.43 0.27
C ALA A 14 4.85 -6.82 0.83
N PRO A 15 5.32 -8.02 0.44
CA PRO A 15 6.61 -8.55 0.89
C PRO A 15 7.78 -7.79 0.28
N MET A 1 -6.55 -1.76 5.69
CA MET A 1 -5.38 -1.90 4.83
C MET A 1 -5.71 -1.51 3.40
N TRP A 2 -6.56 -0.49 3.25
CA TRP A 2 -6.95 -0.02 1.93
C TRP A 2 -6.36 1.35 1.64
N GLN A 3 -5.64 1.47 0.53
CA GLN A 3 -5.02 2.73 0.15
C GLN A 3 -4.09 3.23 1.25
N ARG A 4 -3.57 2.31 2.05
CA ARG A 4 -2.66 2.66 3.13
C ARG A 4 -1.21 2.66 2.66
N ARG A 5 -0.91 1.81 1.68
CA ARG A 5 0.44 1.71 1.14
C ARG A 5 0.58 2.55 -0.13
N GLN A 6 -0.54 3.10 -0.58
CA GLN A 6 -0.54 3.93 -1.79
C GLN A 6 0.44 5.08 -1.66
N ARG A 7 0.63 5.56 -0.43
CA ARG A 7 1.56 6.66 -0.16
C ARG A 7 3.00 6.22 -0.34
N ARG A 8 3.23 4.91 -0.24
CA ARG A 8 4.57 4.36 -0.38
C ARG A 8 4.81 3.88 -1.81
N GLY A 9 3.75 3.38 -2.45
CA GLY A 9 3.87 2.90 -3.82
C GLY A 9 3.47 1.44 -3.95
N GLU A 10 2.75 0.93 -2.95
CA GLU A 10 2.30 -0.45 -2.95
C GLU A 10 0.77 -0.53 -2.93
N GLU A 11 0.14 0.56 -2.52
CA GLU A 11 -1.32 0.62 -2.45
C GLU A 11 -1.84 -0.19 -1.26
N ARG A 12 -1.57 -1.49 -1.28
CA ARG A 12 -2.00 -2.38 -0.21
C ARG A 12 -0.84 -3.21 0.33
N LYS A 13 -0.96 -3.65 1.58
CA LYS A 13 0.09 -4.45 2.20
C LYS A 13 0.31 -5.74 1.43
N ALA A 14 1.51 -5.89 0.86
CA ALA A 14 1.85 -7.08 0.09
C ALA A 14 3.32 -7.46 0.30
N PRO A 15 3.66 -8.72 -0.01
CA PRO A 15 5.03 -9.22 0.13
C PRO A 15 5.98 -8.62 -0.89
N MET A 1 -6.57 -1.89 5.52
CA MET A 1 -5.35 -2.37 4.89
C MET A 1 -5.42 -2.18 3.37
N TRP A 2 -6.02 -1.07 2.94
CA TRP A 2 -6.15 -0.77 1.53
C TRP A 2 -5.86 0.70 1.25
N GLN A 3 -5.13 0.96 0.17
CA GLN A 3 -4.79 2.32 -0.21
C GLN A 3 -4.02 3.02 0.91
N ARG A 4 -3.38 2.23 1.76
CA ARG A 4 -2.60 2.76 2.88
C ARG A 4 -1.15 3.02 2.47
N ARG A 5 -0.62 2.14 1.64
CA ARG A 5 0.75 2.26 1.17
C ARG A 5 0.81 3.01 -0.16
N GLN A 6 -0.36 3.31 -0.71
CA GLN A 6 -0.45 4.02 -1.98
C GLN A 6 0.31 5.34 -1.91
N ARG A 7 0.32 5.95 -0.73
CA ARG A 7 1.00 7.22 -0.52
C ARG A 7 2.52 7.04 -0.61
N ARG A 8 2.98 5.82 -0.40
CA ARG A 8 4.41 5.52 -0.44
C ARG A 8 4.79 4.98 -1.82
N GLY A 9 3.89 4.24 -2.45
CA GLY A 9 4.15 3.68 -3.75
C GLY A 9 4.03 2.18 -3.78
N GLU A 10 3.35 1.63 -2.77
CA GLU A 10 3.16 0.18 -2.68
C GLU A 10 1.67 -0.17 -2.72
N GLU A 11 0.83 0.80 -2.40
CA GLU A 11 -0.61 0.60 -2.39
C GLU A 11 -1.03 -0.23 -1.18
N ARG A 12 -0.54 -1.46 -1.11
CA ARG A 12 -0.87 -2.36 -0.01
C ARG A 12 0.31 -3.26 0.33
N LYS A 13 0.35 -3.73 1.57
CA LYS A 13 1.43 -4.59 2.03
C LYS A 13 1.46 -5.88 1.22
N ALA A 14 2.55 -6.10 0.48
CA ALA A 14 2.71 -7.29 -0.33
C ALA A 14 4.16 -7.75 -0.35
N PRO A 15 4.37 -9.03 -0.71
CA PRO A 15 5.71 -9.62 -0.78
C PRO A 15 6.54 -9.06 -1.94
N MET A 1 -7.75 -1.09 6.25
CA MET A 1 -6.40 -1.41 5.80
C MET A 1 -6.29 -1.29 4.28
N TRP A 2 -7.14 -0.45 3.70
CA TRP A 2 -7.14 -0.24 2.26
C TRP A 2 -6.53 1.11 1.90
N GLN A 3 -5.81 1.16 0.79
CA GLN A 3 -5.16 2.38 0.33
C GLN A 3 -4.20 2.91 1.39
N ARG A 4 -3.52 1.99 2.08
CA ARG A 4 -2.57 2.36 3.11
C ARG A 4 -1.17 2.55 2.52
N ARG A 5 -0.81 1.68 1.58
CA ARG A 5 0.50 1.74 0.95
C ARG A 5 0.45 2.59 -0.32
N GLN A 6 -0.76 3.02 -0.69
CA GLN A 6 -0.94 3.84 -1.87
C GLN A 6 -0.10 5.10 -1.81
N ARG A 7 0.25 5.52 -0.60
CA ARG A 7 1.06 6.71 -0.40
C ARG A 7 2.53 6.42 -0.68
N ARG A 8 2.90 5.14 -0.61
CA ARG A 8 4.28 4.73 -0.86
C ARG A 8 4.47 4.29 -2.30
N GLY A 9 3.45 3.64 -2.85
CA GLY A 9 3.53 3.17 -4.23
C GLY A 9 3.30 1.67 -4.35
N GLU A 10 2.76 1.07 -3.29
CA GLU A 10 2.50 -0.36 -3.28
C GLU A 10 1.00 -0.64 -3.13
N GLU A 11 0.28 0.32 -2.53
CA GLU A 11 -1.15 0.18 -2.32
C GLU A 11 -1.44 -0.82 -1.20
N ARG A 12 -1.04 -2.07 -1.41
CA ARG A 12 -1.26 -3.12 -0.42
C ARG A 12 0.06 -3.74 0.02
N LYS A 13 0.06 -4.33 1.21
CA LYS A 13 1.26 -4.96 1.75
C LYS A 13 1.79 -6.03 0.81
N ALA A 14 2.97 -5.80 0.25
CA ALA A 14 3.59 -6.75 -0.66
C ALA A 14 5.10 -6.77 -0.51
N PRO A 15 5.74 -7.83 -1.02
CA PRO A 15 7.20 -7.99 -0.95
C PRO A 15 7.93 -7.01 -1.84
N MET A 1 -7.43 -1.87 4.82
CA MET A 1 -6.27 -2.46 4.17
C MET A 1 -6.23 -2.11 2.69
N TRP A 2 -6.82 -0.98 2.34
CA TRP A 2 -6.86 -0.52 0.94
C TRP A 2 -6.39 0.92 0.82
N GLN A 3 -5.58 1.19 -0.19
CA GLN A 3 -5.06 2.53 -0.42
C GLN A 3 -4.28 3.02 0.80
N ARG A 4 -3.74 2.08 1.57
CA ARG A 4 -2.97 2.42 2.75
C ARG A 4 -1.49 2.57 2.41
N ARG A 5 -1.00 1.72 1.52
CA ARG A 5 0.40 1.76 1.10
C ARG A 5 0.57 2.58 -0.17
N GLN A 6 -0.55 2.99 -0.76
CA GLN A 6 -0.52 3.79 -1.97
C GLN A 6 0.31 5.05 -1.79
N ARG A 7 0.28 5.60 -0.57
CA ARG A 7 1.03 6.81 -0.26
C ARG A 7 2.53 6.54 -0.28
N ARG A 8 2.89 5.26 -0.14
CA ARG A 8 4.30 4.87 -0.13
C ARG A 8 4.75 4.44 -1.52
N GLY A 9 3.84 3.81 -2.27
CA GLY A 9 4.16 3.36 -3.62
C GLY A 9 3.97 1.87 -3.78
N GLU A 10 3.26 1.26 -2.84
CA GLU A 10 3.00 -0.18 -2.89
C GLU A 10 1.50 -0.47 -2.96
N GLU A 11 0.70 0.57 -2.72
CA GLU A 11 -0.75 0.43 -2.75
C GLU A 11 -1.26 -0.31 -1.52
N ARG A 12 -0.82 -1.56 -1.36
CA ARG A 12 -1.23 -2.37 -0.22
C ARG A 12 -0.05 -3.17 0.33
N LYS A 13 -0.13 -3.52 1.60
CA LYS A 13 0.94 -4.29 2.25
C LYS A 13 1.15 -5.63 1.56
N ALA A 14 2.32 -5.81 0.96
CA ALA A 14 2.65 -7.04 0.27
C ALA A 14 4.12 -7.39 0.42
N PRO A 15 4.46 -8.67 0.18
CA PRO A 15 5.84 -9.15 0.29
C PRO A 15 6.73 -8.61 -0.82
N MET A 1 -7.11 -0.51 5.77
CA MET A 1 -6.21 -1.60 5.39
C MET A 1 -5.84 -1.50 3.91
N TRP A 2 -6.72 -0.89 3.13
CA TRP A 2 -6.49 -0.73 1.70
C TRP A 2 -6.02 0.68 1.37
N GLN A 3 -5.27 0.82 0.29
CA GLN A 3 -4.75 2.12 -0.13
C GLN A 3 -3.93 2.76 0.98
N ARG A 4 -3.33 1.93 1.82
CA ARG A 4 -2.51 2.41 2.93
C ARG A 4 -1.07 2.61 2.49
N ARG A 5 -0.63 1.80 1.53
CA ARG A 5 0.74 1.89 1.02
C ARG A 5 0.79 2.72 -0.26
N GLN A 6 -0.38 3.10 -0.76
CA GLN A 6 -0.47 3.90 -1.97
C GLN A 6 0.34 5.18 -1.83
N ARG A 7 0.51 5.65 -0.60
CA ARG A 7 1.27 6.87 -0.34
C ARG A 7 2.76 6.62 -0.50
N ARG A 8 3.17 5.36 -0.38
CA ARG A 8 4.58 5.01 -0.52
C ARG A 8 4.90 4.54 -1.94
N GLY A 9 3.92 3.90 -2.57
CA GLY A 9 4.12 3.41 -3.93
C GLY A 9 3.91 1.91 -4.04
N GLU A 10 3.26 1.34 -3.05
CA GLU A 10 2.99 -0.10 -3.05
C GLU A 10 1.48 -0.38 -3.05
N GLU A 11 0.71 0.60 -2.59
CA GLU A 11 -0.74 0.46 -2.54
C GLU A 11 -1.16 -0.47 -1.40
N ARG A 12 -0.72 -1.72 -1.48
CA ARG A 12 -1.05 -2.70 -0.46
C ARG A 12 0.20 -3.43 0.02
N LYS A 13 0.15 -3.97 1.23
CA LYS A 13 1.27 -4.70 1.80
C LYS A 13 1.65 -5.89 0.93
N ALA A 14 2.84 -5.85 0.35
CA ALA A 14 3.33 -6.92 -0.51
C ALA A 14 4.64 -7.50 0.01
N PRO A 15 4.97 -8.71 -0.43
CA PRO A 15 6.20 -9.39 -0.02
C PRO A 15 7.45 -8.74 -0.60
N MET A 1 -7.20 -3.78 4.82
CA MET A 1 -6.26 -2.69 4.61
C MET A 1 -6.02 -2.47 3.12
N TRP A 2 -6.48 -1.34 2.61
CA TRP A 2 -6.30 -1.01 1.20
C TRP A 2 -5.98 0.47 1.02
N GLN A 3 -5.31 0.79 -0.08
CA GLN A 3 -4.94 2.18 -0.36
C GLN A 3 -4.11 2.77 0.77
N ARG A 4 -3.44 1.90 1.53
CA ARG A 4 -2.61 2.33 2.64
C ARG A 4 -1.19 2.61 2.19
N ARG A 5 -0.67 1.76 1.31
CA ARG A 5 0.69 1.92 0.81
C ARG A 5 0.69 2.71 -0.49
N GLN A 6 -0.50 3.02 -1.00
CA GLN A 6 -0.63 3.77 -2.25
C GLN A 6 0.10 5.10 -2.15
N ARG A 7 0.27 5.58 -0.92
CA ARG A 7 0.95 6.85 -0.70
C ARG A 7 2.47 6.70 -0.79
N ARG A 8 2.93 5.46 -0.61
CA ARG A 8 4.36 5.16 -0.67
C ARG A 8 4.76 4.69 -2.06
N GLY A 9 3.88 3.93 -2.70
CA GLY A 9 4.16 3.41 -4.04
C GLY A 9 4.05 1.91 -4.11
N GLU A 10 3.46 1.31 -3.08
CA GLU A 10 3.30 -0.14 -3.04
C GLU A 10 1.82 -0.54 -3.06
N GLU A 11 0.98 0.39 -2.61
CA GLU A 11 -0.47 0.13 -2.57
C GLU A 11 -0.82 -0.82 -1.43
N ARG A 12 -0.30 -2.04 -1.50
CA ARG A 12 -0.56 -3.04 -0.48
C ARG A 12 0.73 -3.70 -0.03
N LYS A 13 0.73 -4.23 1.19
CA LYS A 13 1.90 -4.91 1.74
C LYS A 13 2.25 -6.15 0.93
N ALA A 14 3.55 -6.33 0.68
CA ALA A 14 4.01 -7.47 -0.09
C ALA A 14 5.37 -7.96 0.42
N PRO A 15 5.71 -9.22 0.10
CA PRO A 15 6.98 -9.83 0.52
C PRO A 15 8.18 -9.22 -0.20
N MET A 1 -5.60 -0.95 5.75
CA MET A 1 -5.09 -2.04 4.93
C MET A 1 -5.06 -1.65 3.46
N TRP A 2 -6.22 -1.31 2.91
CA TRP A 2 -6.32 -0.91 1.51
C TRP A 2 -6.10 0.59 1.35
N GLN A 3 -5.46 0.97 0.25
CA GLN A 3 -5.17 2.37 -0.02
C GLN A 3 -4.31 2.98 1.09
N ARG A 4 -3.61 2.12 1.82
CA ARG A 4 -2.74 2.57 2.90
C ARG A 4 -1.33 2.85 2.39
N ARG A 5 -0.83 1.96 1.53
CA ARG A 5 0.51 2.11 0.97
C ARG A 5 0.47 2.88 -0.34
N GLN A 6 -0.75 3.17 -0.80
CA GLN A 6 -0.92 3.90 -2.05
C GLN A 6 -0.19 5.24 -2.02
N ARG A 7 0.02 5.75 -0.81
CA ARG A 7 0.71 7.03 -0.64
C ARG A 7 2.22 6.86 -0.77
N ARG A 8 2.68 5.63 -0.57
CA ARG A 8 4.11 5.32 -0.67
C ARG A 8 4.47 4.81 -2.06
N GLY A 9 3.56 4.03 -2.65
CA GLY A 9 3.80 3.48 -3.97
C GLY A 9 3.71 1.97 -4.00
N GLU A 10 3.13 1.39 -2.94
CA GLU A 10 2.99 -0.05 -2.85
C GLU A 10 1.51 -0.45 -2.82
N GLU A 11 0.67 0.49 -2.39
CA GLU A 11 -0.77 0.23 -2.31
C GLU A 11 -1.10 -0.68 -1.13
N ARG A 12 -0.57 -1.90 -1.17
CA ARG A 12 -0.81 -2.87 -0.10
C ARG A 12 0.50 -3.52 0.33
N LYS A 13 0.52 -4.01 1.57
CA LYS A 13 1.71 -4.65 2.11
C LYS A 13 2.10 -5.87 1.28
N ALA A 14 3.39 -6.01 1.00
CA ALA A 14 3.88 -7.13 0.21
C ALA A 14 5.25 -7.60 0.72
N PRO A 15 5.62 -8.84 0.36
CA PRO A 15 6.89 -9.43 0.78
C PRO A 15 8.09 -8.78 0.11
N MET A 1 -5.81 -2.29 6.18
CA MET A 1 -4.97 -2.87 5.13
C MET A 1 -5.54 -2.57 3.75
N TRP A 2 -6.11 -1.39 3.59
CA TRP A 2 -6.70 -0.98 2.33
C TRP A 2 -6.20 0.40 1.91
N GLN A 3 -5.49 0.46 0.80
CA GLN A 3 -4.96 1.73 0.31
C GLN A 3 -4.05 2.39 1.34
N ARG A 4 -3.33 1.56 2.10
CA ARG A 4 -2.43 2.06 3.13
C ARG A 4 -1.04 2.31 2.55
N ARG A 5 -0.68 1.53 1.54
CA ARG A 5 0.63 1.65 0.90
C ARG A 5 0.55 2.52 -0.34
N GLN A 6 -0.67 2.88 -0.73
CA GLN A 6 -0.89 3.71 -1.91
C GLN A 6 -0.09 5.01 -1.82
N ARG A 7 0.14 5.47 -0.59
CA ARG A 7 0.88 6.70 -0.36
C ARG A 7 2.37 6.51 -0.64
N ARG A 8 2.82 5.26 -0.56
CA ARG A 8 4.22 4.92 -0.80
C ARG A 8 4.43 4.48 -2.25
N GLY A 9 3.42 3.83 -2.81
CA GLY A 9 3.53 3.36 -4.19
C GLY A 9 3.34 1.87 -4.31
N GLU A 10 2.75 1.26 -3.28
CA GLU A 10 2.51 -0.18 -3.27
C GLU A 10 1.02 -0.48 -3.17
N GLU A 11 0.23 0.54 -2.84
CA GLU A 11 -1.21 0.38 -2.70
C GLU A 11 -1.55 -0.39 -1.43
N ARG A 12 -1.10 -1.64 -1.35
CA ARG A 12 -1.36 -2.47 -0.19
C ARG A 12 -0.07 -3.14 0.30
N LYS A 13 -0.05 -3.50 1.58
CA LYS A 13 1.12 -4.15 2.17
C LYS A 13 1.42 -5.46 1.46
N ALA A 14 2.59 -5.53 0.81
CA ALA A 14 3.01 -6.72 0.09
C ALA A 14 4.51 -6.91 0.18
N PRO A 15 4.96 -8.15 -0.07
CA PRO A 15 6.39 -8.50 -0.03
C PRO A 15 7.17 -7.87 -1.18
N MET A 1 -5.86 -3.08 5.35
CA MET A 1 -4.81 -2.40 4.61
C MET A 1 -5.26 -2.07 3.19
N TRP A 2 -6.08 -1.04 3.05
CA TRP A 2 -6.59 -0.63 1.75
C TRP A 2 -6.18 0.81 1.43
N GLN A 3 -5.43 0.98 0.35
CA GLN A 3 -4.97 2.30 -0.06
C GLN A 3 -4.17 2.97 1.05
N ARG A 4 -3.57 2.15 1.91
CA ARG A 4 -2.77 2.67 3.02
C ARG A 4 -1.32 2.83 2.61
N ARG A 5 -0.87 2.03 1.66
CA ARG A 5 0.49 2.09 1.17
C ARG A 5 0.59 2.91 -0.11
N GLN A 6 -0.57 3.29 -0.65
CA GLN A 6 -0.62 4.08 -1.87
C GLN A 6 0.20 5.35 -1.74
N ARG A 7 0.27 5.87 -0.52
CA ARG A 7 1.02 7.09 -0.25
C ARG A 7 2.53 6.85 -0.34
N ARG A 8 2.92 5.59 -0.16
CA ARG A 8 4.33 5.22 -0.22
C ARG A 8 4.70 4.71 -1.61
N GLY A 9 3.75 4.06 -2.26
CA GLY A 9 3.99 3.52 -3.59
C GLY A 9 3.77 2.02 -3.67
N GLU A 10 3.07 1.48 -2.68
CA GLU A 10 2.80 0.05 -2.65
C GLU A 10 1.29 -0.23 -2.71
N GLU A 11 0.50 0.80 -2.42
CA GLU A 11 -0.95 0.68 -2.45
C GLU A 11 -1.45 -0.12 -1.25
N ARG A 12 -1.03 -1.37 -1.16
CA ARG A 12 -1.43 -2.24 -0.05
C ARG A 12 -0.29 -3.16 0.36
N LYS A 13 -0.33 -3.61 1.61
CA LYS A 13 0.70 -4.50 2.14
C LYS A 13 0.77 -5.79 1.32
N ALA A 14 1.91 -5.99 0.65
CA ALA A 14 2.11 -7.18 -0.17
C ALA A 14 3.52 -7.72 -0.01
N PRO A 15 3.71 -9.00 -0.38
CA PRO A 15 5.02 -9.66 -0.29
C PRO A 15 6.01 -9.11 -1.31
N MET A 1 -5.87 -1.93 6.43
CA MET A 1 -5.02 -2.38 5.33
C MET A 1 -5.67 -2.03 4.00
N TRP A 2 -5.83 -0.73 3.74
CA TRP A 2 -6.43 -0.27 2.50
C TRP A 2 -5.93 1.13 2.14
N GLN A 3 -5.29 1.25 0.98
CA GLN A 3 -4.77 2.53 0.52
C GLN A 3 -3.72 3.06 1.49
N ARG A 4 -3.10 2.16 2.24
CA ARG A 4 -2.08 2.54 3.22
C ARG A 4 -0.70 2.54 2.58
N ARG A 5 -0.55 1.79 1.50
CA ARG A 5 0.71 1.70 0.79
C ARG A 5 0.64 2.37 -0.58
N GLN A 6 -0.58 2.76 -0.96
CA GLN A 6 -0.80 3.41 -2.26
C GLN A 6 0.05 4.67 -2.38
N ARG A 7 0.21 5.38 -1.26
CA ARG A 7 0.99 6.61 -1.25
C ARG A 7 2.46 6.33 -1.55
N ARG A 8 2.86 5.07 -1.37
CA ARG A 8 4.24 4.66 -1.63
C ARG A 8 4.39 4.09 -3.03
N GLY A 9 3.35 3.39 -3.50
CA GLY A 9 3.39 2.80 -4.82
C GLY A 9 3.16 1.30 -4.79
N GLU A 10 2.67 0.80 -3.66
CA GLU A 10 2.40 -0.62 -3.51
C GLU A 10 0.92 -0.88 -3.26
N GLU A 11 0.23 0.15 -2.78
CA GLU A 11 -1.21 0.02 -2.50
C GLU A 11 -1.44 -0.78 -1.23
N ARG A 12 -1.04 -2.05 -1.26
CA ARG A 12 -1.20 -2.93 -0.12
C ARG A 12 0.14 -3.51 0.33
N LYS A 13 0.22 -3.89 1.60
CA LYS A 13 1.45 -4.45 2.16
C LYS A 13 1.84 -5.73 1.42
N ALA A 14 3.03 -5.74 0.84
CA ALA A 14 3.53 -6.89 0.11
C ALA A 14 5.01 -7.13 0.40
N PRO A 15 5.47 -8.36 0.13
CA PRO A 15 6.87 -8.75 0.34
C PRO A 15 7.81 -8.07 -0.64
N MET A 1 -6.77 -0.12 6.11
CA MET A 1 -6.21 -1.36 5.59
C MET A 1 -5.89 -1.23 4.10
N TRP A 2 -6.89 -0.86 3.32
CA TRP A 2 -6.71 -0.69 1.88
C TRP A 2 -6.18 0.70 1.55
N GLN A 3 -5.40 0.78 0.48
CA GLN A 3 -4.83 2.06 0.06
C GLN A 3 -3.97 2.66 1.16
N ARG A 4 -3.29 1.80 1.92
CA ARG A 4 -2.44 2.26 3.01
C ARG A 4 -1.01 2.50 2.51
N ARG A 5 -0.59 1.72 1.52
CA ARG A 5 0.75 1.85 0.96
C ARG A 5 0.72 2.66 -0.33
N GLN A 6 -0.48 3.00 -0.79
CA GLN A 6 -0.65 3.77 -2.01
C GLN A 6 0.09 5.11 -1.91
N ARG A 7 0.26 5.59 -0.69
CA ARG A 7 0.95 6.85 -0.46
C ARG A 7 2.46 6.68 -0.59
N ARG A 8 2.92 5.44 -0.49
CA ARG A 8 4.34 5.14 -0.60
C ARG A 8 4.71 4.74 -2.02
N GLY A 9 3.79 4.05 -2.69
CA GLY A 9 4.04 3.62 -4.06
C GLY A 9 3.92 2.11 -4.21
N GLU A 10 3.33 1.46 -3.22
CA GLU A 10 3.17 0.00 -3.25
C GLU A 10 1.70 -0.37 -3.18
N GLU A 11 0.85 0.61 -2.91
CA GLU A 11 -0.59 0.38 -2.80
C GLU A 11 -0.94 -0.36 -1.52
N ARG A 12 -0.42 -1.57 -1.39
CA ARG A 12 -0.68 -2.39 -0.20
C ARG A 12 0.56 -3.21 0.17
N LYS A 13 0.66 -3.58 1.44
CA LYS A 13 1.80 -4.36 1.92
C LYS A 13 1.88 -5.70 1.20
N ALA A 14 3.02 -5.97 0.59
CA ALA A 14 3.22 -7.21 -0.14
C ALA A 14 4.67 -7.69 -0.01
N PRO A 15 4.89 -8.99 -0.28
CA PRO A 15 6.22 -9.59 -0.21
C PRO A 15 7.14 -9.11 -1.32
#